data_7RGO
#
_entry.id   7RGO
#
_cell.length_a   98.855
_cell.length_b   98.855
_cell.length_c   43.140
_cell.angle_alpha   90.000
_cell.angle_beta   90.000
_cell.angle_gamma   90.000
#
_symmetry.space_group_name_H-M   'P 43'
#
loop_
_entity.id
_entity.type
_entity.pdbx_description
1 polymer 'Dihydrofolate reductase type 5'
2 non-polymer 'NADP NICOTINAMIDE-ADENINE-DINUCLEOTIDE PHOSPHATE'
3 non-polymer GLYCEROL
4 non-polymer "4'-chloro-3'-[(2S)-4-(2,4-diamino-6-ethylpyrimidin-5-yl)but-3-yn-2-yl][1,1'-biphenyl]-4-carboxamide"
5 non-polymer 'SULFATE ION'
6 water water
#
_entity_poly.entity_id   1
_entity_poly.type   'polypeptide(L)'
_entity_poly.pdbx_seq_one_letter_code
;MKVSLMAAKAKNGVIGCGPHIPWSAKGEQLLFKALTYNQWLLVGRKTFESMGALPNRKYAVVTRSAWTADNDNVIVFPSI
EEAMYGLAELTDHVIVSGGGEIYRETLPMASTLHISTIDIEPEGDVFFPNIPNTFEVVFEQHFSSNINYCYQIWQKG
;
_entity_poly.pdbx_strand_id   A,B
#
loop_
_chem_comp.id
_chem_comp.type
_chem_comp.name
_chem_comp.formula
4SI non-polymer 4'-chloro-3'-[(2S)-4-(2,4-diamino-6-ethylpyrimidin-5-yl)but-3-yn-2-yl][1,1'-biphenyl]-4-carboxamide 'C23 H22 Cl N5 O'
GOL non-polymer GLYCEROL 'C3 H8 O3'
NAP non-polymer 'NADP NICOTINAMIDE-ADENINE-DINUCLEOTIDE PHOSPHATE' 'C21 H28 N7 O17 P3'
SO4 non-polymer 'SULFATE ION' 'O4 S -2'
#
# COMPACT_ATOMS: atom_id res chain seq x y z
N MET A 1 7.94 15.52 -13.53
CA MET A 1 7.96 14.16 -13.01
C MET A 1 8.16 14.10 -11.49
N LYS A 2 7.28 13.37 -10.83
CA LYS A 2 7.34 13.21 -9.39
C LYS A 2 8.28 12.07 -8.99
N VAL A 3 9.08 12.28 -7.96
CA VAL A 3 9.98 11.26 -7.41
C VAL A 3 9.47 10.84 -6.04
N SER A 4 9.14 9.56 -5.90
CA SER A 4 8.91 8.99 -4.58
C SER A 4 10.12 8.15 -4.17
N LEU A 5 10.12 7.75 -2.91
CA LEU A 5 11.15 6.87 -2.40
C LEU A 5 10.50 5.87 -1.45
N MET A 6 10.79 4.59 -1.66
CA MET A 6 10.29 3.47 -0.85
C MET A 6 11.45 2.73 -0.24
N ALA A 7 11.43 2.56 1.09
CA ALA A 7 12.49 1.83 1.77
C ALA A 7 11.95 1.13 3.02
N ALA A 8 12.66 0.08 3.43
CA ALA A 8 12.43 -0.57 4.71
C ALA A 8 13.72 -0.48 5.52
N LYS A 9 13.63 0.04 6.75
CA LYS A 9 14.81 0.16 7.59
C LYS A 9 14.56 -0.45 8.96
N ALA A 10 15.60 -1.06 9.52
CA ALA A 10 15.53 -1.58 10.88
C ALA A 10 15.50 -0.41 11.87
N LYS A 11 15.21 -0.75 13.14
CA LYS A 11 15.10 0.30 14.17
C LYS A 11 16.44 1.02 14.36
N ASN A 12 17.54 0.35 14.05
CA ASN A 12 18.86 0.94 14.19
C ASN A 12 19.38 1.54 12.88
N GLY A 13 18.49 1.76 11.91
CA GLY A 13 18.87 2.37 10.65
C GLY A 13 19.45 1.43 9.62
N VAL A 14 19.79 0.20 9.99
CA VAL A 14 20.33 -0.75 9.02
C VAL A 14 19.30 -1.02 7.94
N ILE A 15 19.74 -0.98 6.68
CA ILE A 15 18.95 -1.48 5.56
C ILE A 15 19.61 -2.65 4.84
N GLY A 16 20.89 -2.89 5.04
CA GLY A 16 21.58 -3.94 4.29
C GLY A 16 22.75 -4.50 5.07
N CYS A 17 23.09 -5.75 4.76
CA CYS A 17 24.24 -6.44 5.33
C CYS A 17 24.88 -7.21 4.17
N GLY A 18 25.99 -6.69 3.64
CA GLY A 18 26.48 -7.16 2.38
C GLY A 18 25.37 -7.03 1.35
N PRO A 19 25.21 -8.05 0.51
CA PRO A 19 24.17 -8.02 -0.52
C PRO A 19 22.79 -8.45 -0.05
N HIS A 20 22.54 -8.54 1.26
CA HIS A 20 21.29 -9.05 1.80
C HIS A 20 20.59 -7.97 2.61
N ILE A 21 19.26 -8.05 2.64
CA ILE A 21 18.46 -7.30 3.60
C ILE A 21 18.28 -8.18 4.84
N PRO A 22 18.82 -7.80 6.00
CA PRO A 22 19.01 -8.76 7.12
C PRO A 22 17.81 -8.86 8.05
N TRP A 23 16.65 -9.19 7.49
CA TRP A 23 15.46 -9.56 8.27
C TRP A 23 14.45 -10.16 7.30
N SER A 24 13.45 -10.82 7.86
CA SER A 24 12.35 -11.34 7.06
C SER A 24 11.06 -11.00 7.81
N ALA A 25 10.39 -9.93 7.39
CA ALA A 25 9.19 -9.44 8.09
C ALA A 25 7.97 -9.80 7.25
N LYS A 26 7.24 -10.82 7.71
CA LYS A 26 6.08 -11.30 6.99
C LYS A 26 5.04 -10.18 6.89
N GLY A 27 4.60 -9.90 5.66
CA GLY A 27 3.63 -8.85 5.43
C GLY A 27 4.23 -7.62 4.77
N GLU A 28 5.47 -7.27 5.16
CA GLU A 28 6.04 -6.00 4.70
C GLU A 28 6.29 -6.00 3.21
N GLN A 29 6.67 -7.14 2.64
CA GLN A 29 6.92 -7.19 1.21
C GLN A 29 5.66 -6.92 0.40
N LEU A 30 4.48 -7.14 1.00
CA LEU A 30 3.22 -6.80 0.33
C LEU A 30 3.14 -5.30 0.03
N LEU A 31 3.50 -4.47 1.01
CA LEU A 31 3.47 -3.03 0.78
C LEU A 31 4.36 -2.67 -0.39
N PHE A 32 5.57 -3.18 -0.38
CA PHE A 32 6.53 -2.89 -1.44
C PHE A 32 5.98 -3.33 -2.80
N LYS A 33 5.46 -4.55 -2.87
CA LYS A 33 4.88 -5.01 -4.15
C LYS A 33 3.67 -4.16 -4.54
N ALA A 34 2.77 -3.89 -3.58
CA ALA A 34 1.55 -3.16 -3.90
C ALA A 34 1.86 -1.73 -4.37
N LEU A 35 2.74 -1.02 -3.66
CA LEU A 35 2.98 0.36 -4.08
C LEU A 35 3.82 0.46 -5.35
N THR A 36 4.61 -0.57 -5.68
CA THR A 36 5.45 -0.48 -6.87
C THR A 36 4.82 -1.15 -8.10
N TYR A 37 3.60 -1.66 -7.98
CA TYR A 37 3.02 -2.42 -9.10
C TYR A 37 2.84 -1.55 -10.35
N ASN A 38 3.40 -2.04 -11.48
CA ASN A 38 3.39 -1.32 -12.76
C ASN A 38 3.96 0.09 -12.65
N GLN A 39 4.91 0.29 -11.74
CA GLN A 39 5.57 1.57 -11.60
C GLN A 39 6.96 1.51 -12.21
N TRP A 40 7.50 2.69 -12.51
CA TRP A 40 8.92 2.83 -12.78
C TRP A 40 9.70 2.89 -11.47
N LEU A 41 10.75 2.07 -11.36
CA LEU A 41 11.62 2.07 -10.20
C LEU A 41 13.01 2.54 -10.63
N LEU A 42 13.63 3.35 -9.78
CA LEU A 42 15.03 3.74 -9.97
C LEU A 42 15.85 3.04 -8.89
N VAL A 43 16.84 2.24 -9.31
CA VAL A 43 17.71 1.54 -8.38
C VAL A 43 19.17 1.62 -8.80
N GLY A 44 20.06 1.44 -7.82
CA GLY A 44 21.47 1.29 -8.10
C GLY A 44 21.79 -0.07 -8.69
N ARG A 45 22.98 -0.15 -9.30
N ARG A 45 22.99 -0.18 -9.27
CA ARG A 45 23.41 -1.38 -9.97
CA ARG A 45 23.36 -1.40 -9.98
C ARG A 45 23.38 -2.57 -9.02
C ARG A 45 23.39 -2.59 -9.03
N LYS A 46 23.86 -2.39 -7.80
CA LYS A 46 23.97 -3.52 -6.88
C LYS A 46 22.61 -4.02 -6.46
N THR A 47 21.73 -3.09 -6.09
CA THR A 47 20.37 -3.47 -5.76
C THR A 47 19.73 -4.19 -6.92
N PHE A 48 19.90 -3.67 -8.15
CA PHE A 48 19.25 -4.32 -9.28
C PHE A 48 19.72 -5.76 -9.40
N GLU A 49 21.01 -6.00 -9.21
CA GLU A 49 21.54 -7.35 -9.32
C GLU A 49 21.03 -8.27 -8.21
N SER A 50 20.74 -7.73 -7.02
CA SER A 50 20.21 -8.57 -5.93
C SER A 50 18.72 -8.87 -6.10
N MET A 51 17.96 -7.89 -6.59
CA MET A 51 16.52 -8.05 -6.73
C MET A 51 16.18 -8.70 -8.06
N GLY A 52 16.86 -8.30 -9.15
CA GLY A 52 16.52 -8.72 -10.48
C GLY A 52 15.38 -7.90 -11.07
N ALA A 53 15.08 -8.17 -12.34
CA ALA A 53 13.97 -7.50 -13.03
C ALA A 53 12.68 -8.25 -12.72
N LEU A 54 12.09 -7.94 -11.56
CA LEU A 54 10.83 -8.58 -11.18
C LEU A 54 9.73 -8.24 -12.18
N PRO A 55 8.79 -9.15 -12.39
CA PRO A 55 7.71 -8.90 -13.35
C PRO A 55 6.85 -7.71 -12.93
N ASN A 56 6.19 -7.12 -13.94
CA ASN A 56 5.16 -6.08 -13.75
C ASN A 56 5.71 -4.76 -13.23
N ARG A 57 7.01 -4.53 -13.35
CA ARG A 57 7.61 -3.23 -13.06
C ARG A 57 8.59 -2.90 -14.16
N LYS A 58 8.94 -1.61 -14.25
CA LYS A 58 9.94 -1.14 -15.19
C LYS A 58 11.08 -0.49 -14.42
N TYR A 59 12.30 -0.59 -14.96
CA TYR A 59 13.50 -0.28 -14.18
C TYR A 59 14.42 0.69 -14.88
N ALA A 60 14.84 1.72 -14.14
CA ALA A 60 15.99 2.55 -14.48
C ALA A 60 17.11 2.18 -13.52
N VAL A 61 18.24 1.76 -14.06
CA VAL A 61 19.41 1.40 -13.28
C VAL A 61 20.53 2.35 -13.64
N VAL A 62 21.29 2.80 -12.65
CA VAL A 62 22.43 3.69 -12.88
C VAL A 62 23.71 2.92 -12.57
N THR A 63 24.72 3.14 -13.41
CA THR A 63 26.05 2.56 -13.27
C THR A 63 27.06 3.59 -13.75
N ARG A 64 28.25 3.55 -13.15
CA ARG A 64 29.38 4.36 -13.59
C ARG A 64 30.30 3.61 -14.54
N SER A 65 30.02 2.34 -14.81
CA SER A 65 30.83 1.47 -15.66
C SER A 65 30.08 1.17 -16.96
N ALA A 66 30.61 0.22 -17.74
CA ALA A 66 29.94 -0.22 -18.95
C ALA A 66 28.91 -1.31 -18.69
N TRP A 67 28.67 -1.66 -17.41
CA TRP A 67 27.65 -2.62 -17.00
C TRP A 67 26.34 -2.43 -17.76
N THR A 68 25.71 -3.54 -18.13
CA THR A 68 24.46 -3.47 -18.87
C THR A 68 23.50 -4.55 -18.39
N ALA A 69 22.21 -4.30 -18.59
CA ALA A 69 21.20 -5.29 -18.29
C ALA A 69 20.93 -6.14 -19.53
N ASP A 70 20.26 -7.27 -19.33
CA ASP A 70 20.04 -8.19 -20.44
C ASP A 70 18.58 -8.22 -20.87
N ASN A 71 17.90 -7.08 -20.82
CA ASN A 71 16.46 -7.16 -20.64
C ASN A 71 15.84 -5.90 -21.21
N ASP A 72 14.89 -6.04 -22.18
CA ASP A 72 14.27 -4.84 -22.77
C ASP A 72 13.25 -4.12 -21.83
N ASN A 73 13.06 -4.48 -20.56
N ASN A 73 13.15 -4.57 -20.57
CA ASN A 73 12.29 -3.64 -19.64
CA ASN A 73 12.36 -3.94 -19.52
C ASN A 73 13.16 -2.88 -18.66
C ASN A 73 13.18 -3.03 -18.60
N VAL A 74 14.47 -2.83 -18.90
CA VAL A 74 15.40 -2.08 -18.07
C VAL A 74 16.14 -1.07 -18.92
N ILE A 75 16.20 0.17 -18.47
CA ILE A 75 17.01 1.20 -19.12
C ILE A 75 18.14 1.56 -18.18
N VAL A 76 19.36 1.50 -18.69
CA VAL A 76 20.56 1.72 -17.91
C VAL A 76 21.07 3.11 -18.22
N PHE A 77 21.37 3.89 -17.19
CA PHE A 77 21.82 5.25 -17.41
C PHE A 77 23.18 5.46 -16.76
N PRO A 78 23.99 6.39 -17.31
CA PRO A 78 25.31 6.67 -16.71
C PRO A 78 25.27 7.62 -15.52
N SER A 79 24.11 8.21 -15.21
CA SER A 79 24.02 9.14 -14.09
C SER A 79 22.57 9.22 -13.66
N ILE A 80 22.36 9.71 -12.43
CA ILE A 80 21.01 9.97 -11.94
C ILE A 80 20.35 11.10 -12.72
N GLU A 81 21.11 12.14 -13.04
CA GLU A 81 20.52 13.23 -13.82
C GLU A 81 20.02 12.73 -15.17
N GLU A 82 20.82 11.88 -15.83
N GLU A 82 20.80 11.86 -15.82
CA GLU A 82 20.39 11.32 -17.11
CA GLU A 82 20.37 11.35 -17.12
C GLU A 82 19.19 10.40 -16.93
C GLU A 82 19.21 10.35 -16.96
N ALA A 83 19.20 9.57 -15.89
CA ALA A 83 18.05 8.72 -15.58
C ALA A 83 16.79 9.55 -15.40
N MET A 84 16.88 10.64 -14.61
CA MET A 84 15.74 11.51 -14.35
C MET A 84 15.22 12.12 -15.64
N TYR A 85 16.13 12.64 -16.46
CA TYR A 85 15.73 13.23 -17.74
C TYR A 85 15.08 12.18 -18.65
N GLY A 86 15.69 10.99 -18.72
CA GLY A 86 15.11 9.94 -19.55
C GLY A 86 13.77 9.46 -19.03
N LEU A 87 13.65 9.27 -17.72
CA LEU A 87 12.38 8.82 -17.14
C LEU A 87 11.27 9.82 -17.38
N ALA A 88 11.56 11.12 -17.25
CA ALA A 88 10.52 12.13 -17.45
C ALA A 88 9.97 12.11 -18.86
N GLU A 89 10.67 11.51 -19.82
CA GLU A 89 10.09 11.32 -21.13
C GLU A 89 9.12 10.13 -21.16
N LEU A 90 9.20 9.22 -20.19
CA LEU A 90 8.39 8.01 -20.22
C LEU A 90 7.28 7.97 -19.18
N THR A 91 7.39 8.74 -18.10
CA THR A 91 6.43 8.60 -17.02
C THR A 91 6.38 9.91 -16.24
N ASP A 92 5.33 10.09 -15.45
CA ASP A 92 5.29 11.23 -14.55
C ASP A 92 5.65 10.83 -13.12
N HIS A 93 6.14 9.62 -12.90
CA HIS A 93 6.38 9.17 -11.53
C HIS A 93 7.39 8.04 -11.50
N VAL A 94 8.44 8.18 -10.68
CA VAL A 94 9.37 7.09 -10.44
C VAL A 94 9.48 6.89 -8.94
N ILE A 95 9.68 5.63 -8.54
CA ILE A 95 9.87 5.29 -7.13
C ILE A 95 11.30 4.82 -6.98
N VAL A 96 12.09 5.60 -6.24
CA VAL A 96 13.43 5.18 -5.85
C VAL A 96 13.33 4.02 -4.87
N SER A 97 13.97 2.89 -5.21
CA SER A 97 13.79 1.67 -4.44
C SER A 97 15.11 1.12 -3.93
N GLY A 98 16.17 1.87 -4.07
CA GLY A 98 17.21 1.59 -3.12
C GLY A 98 18.54 1.34 -3.76
N GLY A 99 19.35 0.73 -2.92
CA GLY A 99 20.71 1.08 -2.66
C GLY A 99 20.80 2.14 -1.59
N GLY A 100 21.64 1.91 -0.58
CA GLY A 100 21.97 2.99 0.35
C GLY A 100 22.54 4.21 -0.34
N GLU A 101 23.44 3.99 -1.32
CA GLU A 101 23.99 5.10 -2.11
C GLU A 101 22.87 5.85 -2.81
N ILE A 102 22.03 5.14 -3.56
CA ILE A 102 20.96 5.77 -4.31
C ILE A 102 20.04 6.57 -3.39
N TYR A 103 19.72 6.01 -2.22
CA TYR A 103 18.90 6.74 -1.25
C TYR A 103 19.55 8.07 -0.86
N ARG A 104 20.83 8.03 -0.47
CA ARG A 104 21.53 9.26 -0.10
C ARG A 104 21.52 10.26 -1.24
N GLU A 105 21.74 9.79 -2.46
CA GLU A 105 21.85 10.67 -3.62
C GLU A 105 20.52 11.24 -4.07
N THR A 106 19.40 10.57 -3.77
CA THR A 106 18.11 11.00 -4.33
C THR A 106 17.14 11.53 -3.29
N LEU A 107 17.40 11.30 -1.99
CA LEU A 107 16.50 11.82 -0.96
C LEU A 107 16.16 13.30 -1.11
N PRO A 108 17.09 14.20 -1.43
CA PRO A 108 16.68 15.61 -1.66
C PRO A 108 15.83 15.82 -2.90
N MET A 109 15.76 14.86 -3.82
CA MET A 109 14.86 14.96 -4.96
C MET A 109 13.45 14.48 -4.65
N ALA A 110 13.27 13.71 -3.58
CA ALA A 110 12.00 13.05 -3.32
C ALA A 110 10.95 14.02 -2.73
N SER A 111 9.71 13.87 -3.15
CA SER A 111 8.64 14.62 -2.49
C SER A 111 7.70 13.76 -1.64
N THR A 112 7.72 12.43 -1.78
CA THR A 112 7.06 11.60 -0.76
C THR A 112 7.84 10.32 -0.52
N LEU A 113 7.84 9.92 0.75
CA LEU A 113 8.62 8.80 1.25
C LEU A 113 7.66 7.74 1.77
N HIS A 114 7.92 6.49 1.40
CA HIS A 114 7.22 5.31 1.90
C HIS A 114 8.22 4.60 2.79
N ILE A 115 8.03 4.67 4.11
CA ILE A 115 9.07 4.27 5.05
C ILE A 115 8.48 3.21 5.97
N SER A 116 8.97 1.97 5.85
CA SER A 116 8.61 0.90 6.77
C SER A 116 9.77 0.73 7.75
N THR A 117 9.46 0.84 9.05
CA THR A 117 10.46 0.65 10.09
C THR A 117 10.22 -0.70 10.74
N ILE A 118 11.24 -1.54 10.71
CA ILE A 118 11.15 -2.93 11.12
C ILE A 118 11.62 -3.04 12.56
N ASP A 119 10.84 -3.71 13.41
CA ASP A 119 11.13 -3.79 14.85
C ASP A 119 12.23 -4.82 15.09
N ILE A 120 13.45 -4.44 14.71
CA ILE A 120 14.62 -5.32 14.83
C ILE A 120 15.87 -4.44 14.78
N GLU A 121 16.96 -4.94 15.36
CA GLU A 121 18.22 -4.19 15.44
C GLU A 121 19.34 -5.13 15.00
N PRO A 122 19.41 -5.44 13.71
CA PRO A 122 20.37 -6.43 13.23
C PRO A 122 21.73 -5.80 12.98
N GLU A 123 22.68 -6.66 12.66
CA GLU A 123 23.99 -6.27 12.15
C GLU A 123 23.89 -5.88 10.69
N GLY A 124 24.70 -4.91 10.29
CA GLY A 124 24.73 -4.52 8.89
C GLY A 124 25.71 -3.40 8.66
N ASP A 125 26.07 -3.23 7.39
CA ASP A 125 27.01 -2.19 6.98
C ASP A 125 26.41 -1.19 5.99
N VAL A 126 25.08 -1.22 5.78
CA VAL A 126 24.40 -0.26 4.92
C VAL A 126 23.24 0.34 5.70
N PHE A 127 23.12 1.66 5.69
CA PHE A 127 22.19 2.36 6.56
C PHE A 127 21.28 3.26 5.72
N PHE A 128 20.11 3.59 6.29
CA PHE A 128 19.22 4.56 5.65
C PHE A 128 19.56 5.96 6.16
N PRO A 129 19.52 7.00 5.31
CA PRO A 129 19.81 8.35 5.79
C PRO A 129 18.82 8.76 6.85
N ASN A 130 19.19 9.78 7.63
CA ASN A 130 18.22 10.38 8.54
C ASN A 130 17.18 11.13 7.70
N ILE A 131 15.93 11.10 8.15
CA ILE A 131 14.87 11.75 7.37
C ILE A 131 14.85 13.23 7.73
N PRO A 132 15.14 14.13 6.79
CA PRO A 132 15.23 15.55 7.14
C PRO A 132 13.87 16.14 7.47
N ASN A 133 13.88 17.25 8.19
CA ASN A 133 12.61 17.83 8.61
C ASN A 133 11.94 18.62 7.50
N THR A 134 12.43 18.53 6.26
CA THR A 134 11.63 19.00 5.13
C THR A 134 10.38 18.15 4.92
N PHE A 135 10.32 16.94 5.50
CA PHE A 135 9.22 15.98 5.34
C PHE A 135 8.43 15.83 6.64
N GLU A 136 7.13 15.57 6.52
CA GLU A 136 6.27 15.26 7.67
C GLU A 136 5.45 14.02 7.37
N VAL A 137 5.18 13.23 8.44
CA VAL A 137 4.29 12.08 8.34
C VAL A 137 2.86 12.53 8.10
N VAL A 138 2.21 11.98 7.06
CA VAL A 138 0.79 12.22 6.83
C VAL A 138 -0.05 10.96 7.01
N PHE A 139 0.58 9.78 7.09
CA PHE A 139 -0.16 8.54 7.30
C PHE A 139 0.75 7.59 8.06
N GLU A 140 0.17 6.80 8.97
CA GLU A 140 0.95 5.78 9.62
C GLU A 140 0.05 4.60 9.99
N GLN A 141 0.58 3.37 9.85
CA GLN A 141 -0.14 2.20 10.31
C GLN A 141 0.82 1.17 10.89
N HIS A 142 0.44 0.58 12.02
CA HIS A 142 1.28 -0.45 12.65
C HIS A 142 0.81 -1.84 12.25
N PHE A 143 1.78 -2.74 12.13
CA PHE A 143 1.55 -4.13 11.77
C PHE A 143 2.23 -5.04 12.77
N SER A 144 1.46 -5.97 13.35
CA SER A 144 2.01 -7.06 14.14
C SER A 144 2.28 -8.26 13.24
N SER A 145 3.44 -8.87 13.41
CA SER A 145 3.88 -10.01 12.59
C SER A 145 4.99 -10.74 13.35
N ASN A 146 5.63 -11.71 12.68
CA ASN A 146 6.79 -12.38 13.28
C ASN A 146 7.85 -11.35 13.68
N ILE A 147 8.01 -10.31 12.87
CA ILE A 147 8.71 -9.10 13.26
C ILE A 147 7.74 -7.94 12.98
N ASN A 148 7.44 -7.14 14.01
CA ASN A 148 6.49 -6.05 13.81
C ASN A 148 7.09 -4.98 12.91
N TYR A 149 6.23 -4.19 12.29
CA TYR A 149 6.74 -3.11 11.44
C TYR A 149 5.72 -1.97 11.41
N CYS A 150 6.23 -0.78 11.12
CA CYS A 150 5.41 0.42 11.04
C CYS A 150 5.60 1.06 9.68
N TYR A 151 4.49 1.29 8.98
CA TYR A 151 4.48 1.91 7.65
C TYR A 151 4.08 3.37 7.82
N GLN A 152 4.93 4.28 7.30
CA GLN A 152 4.63 5.70 7.32
C GLN A 152 4.76 6.29 5.91
N ILE A 153 3.86 7.19 5.55
CA ILE A 153 4.03 7.98 4.35
C ILE A 153 4.38 9.40 4.79
N TRP A 154 5.50 9.90 4.27
CA TRP A 154 5.97 11.25 4.51
C TRP A 154 5.78 12.08 3.26
N GLN A 155 5.40 13.35 3.44
CA GLN A 155 5.26 14.31 2.35
C GLN A 155 6.19 15.51 2.58
N LYS A 156 6.75 16.03 1.48
CA LYS A 156 7.53 17.26 1.54
C LYS A 156 6.58 18.46 1.53
N GLY A 157 6.68 19.31 2.55
CA GLY A 157 5.74 20.41 2.75
C GLY A 157 5.73 21.52 1.73
N MET B 1 -9.57 2.38 20.24
CA MET B 1 -9.61 1.87 18.88
C MET B 1 -9.65 2.90 17.76
N LYS B 2 -8.81 2.67 16.73
CA LYS B 2 -8.88 3.43 15.49
C LYS B 2 -9.75 2.71 14.47
N VAL B 3 -10.53 3.47 13.72
CA VAL B 3 -11.33 2.95 12.62
C VAL B 3 -10.79 3.54 11.32
N SER B 4 -10.34 2.68 10.42
CA SER B 4 -10.08 3.05 9.04
C SER B 4 -11.13 2.39 8.18
N LEU B 5 -11.16 2.82 6.93
CA LEU B 5 -12.12 2.26 5.99
C LEU B 5 -11.39 2.13 4.66
N MET B 6 -11.56 0.99 3.96
CA MET B 6 -10.89 0.93 2.66
C MET B 6 -11.80 0.30 1.62
N ALA B 7 -11.84 0.94 0.45
CA ALA B 7 -12.80 0.60 -0.59
C ALA B 7 -12.19 0.85 -1.96
N ALA B 8 -12.72 0.15 -2.95
CA ALA B 8 -12.45 0.44 -4.36
C ALA B 8 -13.80 0.80 -5.00
N LYS B 9 -13.86 1.97 -5.63
CA LYS B 9 -15.08 2.42 -6.29
C LYS B 9 -14.77 2.77 -7.74
N ALA B 10 -15.73 2.48 -8.62
CA ALA B 10 -15.65 2.96 -10.00
C ALA B 10 -15.84 4.47 -10.03
N LYS B 11 -15.55 5.08 -11.19
CA LYS B 11 -15.69 6.53 -11.34
C LYS B 11 -17.14 7.00 -11.27
N ASN B 12 -18.11 6.11 -11.46
CA ASN B 12 -19.51 6.45 -11.23
C ASN B 12 -20.00 6.03 -9.84
N GLY B 13 -19.09 5.72 -8.92
CA GLY B 13 -19.47 5.34 -7.57
C GLY B 13 -19.89 3.90 -7.37
N VAL B 14 -20.00 3.10 -8.43
CA VAL B 14 -20.42 1.71 -8.25
C VAL B 14 -19.34 0.93 -7.51
N ILE B 15 -19.74 0.15 -6.49
CA ILE B 15 -18.84 -0.80 -5.87
C ILE B 15 -19.29 -2.25 -6.07
N GLY B 16 -20.54 -2.50 -6.42
CA GLY B 16 -21.04 -3.86 -6.51
C GLY B 16 -22.19 -3.97 -7.49
N CYS B 17 -22.30 -5.14 -8.11
CA CYS B 17 -23.43 -5.54 -8.98
C CYS B 17 -23.88 -6.90 -8.47
N GLY B 18 -25.00 -6.94 -7.75
CA GLY B 18 -25.38 -8.15 -7.06
C GLY B 18 -24.30 -8.55 -6.08
N PRO B 19 -23.83 -9.80 -6.16
CA PRO B 19 -22.76 -10.25 -5.26
C PRO B 19 -21.34 -9.96 -5.75
N HIS B 20 -21.19 -9.33 -6.89
CA HIS B 20 -19.89 -9.22 -7.56
C HIS B 20 -19.40 -7.78 -7.57
N ILE B 21 -18.08 -7.63 -7.52
CA ILE B 21 -17.40 -6.37 -7.83
C ILE B 21 -17.27 -6.32 -9.34
N PRO B 22 -17.93 -5.35 -10.04
CA PRO B 22 -18.06 -5.39 -11.51
C PRO B 22 -16.84 -4.86 -12.29
N TRP B 23 -15.65 -5.34 -11.93
CA TRP B 23 -14.44 -5.07 -12.69
C TRP B 23 -13.35 -5.97 -12.13
N SER B 24 -12.26 -6.05 -12.87
CA SER B 24 -11.02 -6.63 -12.33
C SER B 24 -9.91 -5.69 -12.76
N ALA B 25 -9.37 -4.95 -11.81
CA ALA B 25 -8.31 -3.98 -12.10
C ALA B 25 -7.05 -4.62 -11.56
N LYS B 26 -6.29 -5.25 -12.46
CA LYS B 26 -5.17 -6.09 -12.06
C LYS B 26 -4.18 -5.28 -11.24
N GLY B 27 -3.86 -5.76 -10.04
CA GLY B 27 -2.92 -5.09 -9.16
C GLY B 27 -3.56 -4.39 -7.98
N GLU B 28 -4.83 -3.97 -8.12
CA GLU B 28 -5.44 -3.17 -7.07
C GLU B 28 -5.63 -3.99 -5.80
N GLN B 29 -5.94 -5.29 -5.94
CA GLN B 29 -6.07 -6.17 -4.78
C GLN B 29 -4.79 -6.19 -3.94
N LEU B 30 -3.64 -5.87 -4.52
CA LEU B 30 -2.41 -5.85 -3.73
C LEU B 30 -2.48 -4.78 -2.64
N LEU B 31 -3.07 -3.61 -2.94
CA LEU B 31 -3.22 -2.57 -1.93
C LEU B 31 -4.06 -3.07 -0.76
N PHE B 32 -5.24 -3.62 -1.07
CA PHE B 32 -6.11 -4.21 -0.07
C PHE B 32 -5.36 -5.25 0.75
N LYS B 33 -4.63 -6.14 0.07
CA LYS B 33 -3.88 -7.17 0.82
C LYS B 33 -2.85 -6.52 1.75
N ALA B 34 -2.07 -5.57 1.21
CA ALA B 34 -1.00 -4.98 2.02
C ALA B 34 -1.54 -4.26 3.26
N LEU B 35 -2.61 -3.47 3.09
CA LEU B 35 -3.10 -2.66 4.21
C LEU B 35 -3.90 -3.46 5.22
N THR B 36 -4.45 -4.62 4.84
CA THR B 36 -5.22 -5.46 5.75
C THR B 36 -4.41 -6.59 6.38
N TYR B 37 -3.13 -6.73 6.03
CA TYR B 37 -2.35 -7.86 6.51
C TYR B 37 -2.28 -7.87 8.04
N ASN B 38 -2.66 -9.01 8.64
CA ASN B 38 -2.72 -9.18 10.09
C ASN B 38 -3.55 -8.09 10.77
N GLN B 39 -4.59 -7.61 10.08
CA GLN B 39 -5.50 -6.65 10.64
C GLN B 39 -6.85 -7.29 10.92
N TRP B 40 -7.62 -6.63 11.79
CA TRP B 40 -9.04 -6.91 11.98
C TRP B 40 -9.83 -6.13 10.95
N LEU B 41 -10.76 -6.81 10.27
CA LEU B 41 -11.65 -6.18 9.31
C LEU B 41 -13.08 -6.19 9.85
N LEU B 42 -13.85 -5.18 9.45
CA LEU B 42 -15.30 -5.18 9.68
C LEU B 42 -15.98 -5.26 8.32
N VAL B 43 -16.84 -6.26 8.13
CA VAL B 43 -17.55 -6.46 6.88
C VAL B 43 -18.98 -6.88 7.13
N GLY B 44 -19.86 -6.59 6.16
CA GLY B 44 -21.20 -7.11 6.19
C GLY B 44 -21.26 -8.57 5.77
N ARG B 45 -22.36 -9.23 6.13
CA ARG B 45 -22.50 -10.66 5.87
C ARG B 45 -22.40 -10.97 4.37
N LYS B 46 -22.99 -10.13 3.52
CA LYS B 46 -22.97 -10.41 2.08
C LYS B 46 -21.55 -10.33 1.54
N THR B 47 -20.82 -9.28 1.92
CA THR B 47 -19.43 -9.16 1.49
C THR B 47 -18.59 -10.34 1.99
N PHE B 48 -18.82 -10.75 3.24
CA PHE B 48 -18.04 -11.88 3.76
C PHE B 48 -18.29 -13.14 2.95
N GLU B 49 -19.54 -13.40 2.58
CA GLU B 49 -19.82 -14.59 1.77
C GLU B 49 -19.25 -14.44 0.36
N SER B 50 -19.12 -13.22 -0.16
CA SER B 50 -18.50 -13.03 -1.47
C SER B 50 -17.00 -13.23 -1.44
N MET B 51 -16.38 -13.03 -0.29
CA MET B 51 -14.93 -13.06 -0.10
C MET B 51 -14.57 -14.40 0.54
N GLY B 52 -13.36 -14.87 0.32
CA GLY B 52 -12.86 -15.92 1.19
C GLY B 52 -12.77 -15.47 2.64
N ALA B 53 -12.66 -16.42 3.54
CA ALA B 53 -12.00 -16.14 4.82
C ALA B 53 -10.50 -16.31 4.61
N LEU B 54 -9.92 -15.32 3.92
CA LEU B 54 -8.53 -15.38 3.50
C LEU B 54 -7.60 -15.32 4.72
N PRO B 55 -6.37 -15.83 4.59
CA PRO B 55 -5.52 -16.00 5.77
C PRO B 55 -4.94 -14.69 6.27
N ASN B 56 -4.41 -14.73 7.50
CA ASN B 56 -3.70 -13.62 8.14
C ASN B 56 -4.60 -12.41 8.41
N ARG B 57 -5.91 -12.62 8.52
CA ARG B 57 -6.83 -11.54 8.89
C ARG B 57 -7.85 -12.09 9.89
N LYS B 58 -8.45 -11.19 10.65
CA LYS B 58 -9.54 -11.55 11.54
C LYS B 58 -10.74 -10.73 11.13
N TYR B 59 -11.92 -11.34 11.15
CA TYR B 59 -13.12 -10.79 10.55
C TYR B 59 -14.19 -10.62 11.61
N ALA B 60 -14.64 -9.37 11.79
CA ALA B 60 -15.90 -9.08 12.46
C ALA B 60 -16.95 -8.99 11.37
N VAL B 61 -17.99 -9.81 11.46
CA VAL B 61 -19.04 -9.82 10.45
C VAL B 61 -20.36 -9.49 11.14
N VAL B 62 -21.17 -8.64 10.52
CA VAL B 62 -22.46 -8.27 11.11
C VAL B 62 -23.58 -8.88 10.27
N THR B 63 -24.62 -9.35 10.95
CA THR B 63 -25.84 -9.87 10.32
C THR B 63 -27.03 -9.53 11.20
N ARG B 64 -28.21 -9.43 10.60
CA ARG B 64 -29.44 -9.28 11.36
C ARG B 64 -30.21 -10.60 11.52
N SER B 65 -29.71 -11.69 10.95
CA SER B 65 -30.41 -12.97 10.99
C SER B 65 -29.67 -13.94 11.91
N ALA B 66 -29.91 -15.24 11.72
CA ALA B 66 -29.26 -16.29 12.50
C ALA B 66 -27.99 -16.81 11.84
N TRP B 67 -27.57 -16.21 10.73
CA TRP B 67 -26.37 -16.64 10.00
C TRP B 67 -25.15 -16.73 10.90
N THR B 68 -24.26 -17.67 10.56
CA THR B 68 -23.05 -17.89 11.35
C THR B 68 -21.95 -18.41 10.44
N ALA B 69 -20.73 -18.46 10.97
CA ALA B 69 -19.56 -18.86 10.19
C ALA B 69 -18.74 -19.90 10.94
N ASP B 70 -18.15 -20.82 10.18
CA ASP B 70 -17.33 -21.88 10.73
C ASP B 70 -15.96 -21.37 11.18
N ASN B 71 -15.41 -20.40 10.44
CA ASN B 71 -13.99 -20.11 10.51
C ASN B 71 -13.63 -19.54 11.88
N ASP B 72 -12.54 -20.06 12.48
CA ASP B 72 -12.10 -19.68 13.82
C ASP B 72 -11.70 -18.21 13.89
N ASN B 73 -11.40 -17.59 12.75
CA ASN B 73 -10.93 -16.21 12.66
C ASN B 73 -12.06 -15.24 12.40
N VAL B 74 -13.30 -15.66 12.60
CA VAL B 74 -14.47 -14.83 12.37
C VAL B 74 -15.23 -14.72 13.68
N ILE B 75 -15.63 -13.50 14.05
CA ILE B 75 -16.64 -13.30 15.09
C ILE B 75 -17.84 -12.61 14.45
N VAL B 76 -19.03 -13.11 14.76
CA VAL B 76 -20.26 -12.63 14.17
C VAL B 76 -20.94 -11.76 15.21
N PHE B 77 -21.39 -10.58 14.79
CA PHE B 77 -22.03 -9.65 15.71
C PHE B 77 -23.44 -9.34 15.23
N PRO B 78 -24.37 -9.05 16.16
CA PRO B 78 -25.76 -8.75 15.75
C PRO B 78 -26.01 -7.31 15.32
N SER B 79 -25.01 -6.43 15.43
CA SER B 79 -25.19 -5.04 15.06
C SER B 79 -23.82 -4.39 14.98
N ILE B 80 -23.77 -3.23 14.32
CA ILE B 80 -22.53 -2.49 14.20
C ILE B 80 -22.08 -1.97 15.56
N GLU B 81 -23.02 -1.47 16.35
CA GLU B 81 -22.72 -1.01 17.71
C GLU B 81 -22.02 -2.10 18.53
N GLU B 82 -22.55 -3.33 18.45
CA GLU B 82 -21.96 -4.44 19.20
C GLU B 82 -20.60 -4.84 18.62
N ALA B 83 -20.47 -4.86 17.28
CA ALA B 83 -19.18 -5.15 16.67
C ALA B 83 -18.13 -4.14 17.12
N MET B 84 -18.49 -2.86 17.09
CA MET B 84 -17.54 -1.80 17.42
C MET B 84 -17.10 -1.94 18.87
N TYR B 85 -18.09 -2.12 19.76
CA TYR B 85 -17.85 -2.26 21.19
C TYR B 85 -17.03 -3.51 21.49
N GLY B 86 -17.30 -4.61 20.79
CA GLY B 86 -16.52 -5.82 20.99
C GLY B 86 -15.16 -5.80 20.32
N LEU B 87 -15.05 -5.13 19.16
CA LEU B 87 -13.74 -4.96 18.54
C LEU B 87 -12.81 -4.17 19.46
N ALA B 88 -13.33 -3.13 20.11
CA ALA B 88 -12.51 -2.29 20.96
C ALA B 88 -11.83 -3.07 22.08
N GLU B 89 -12.41 -4.22 22.48
CA GLU B 89 -11.77 -5.06 23.47
C GLU B 89 -10.75 -5.99 22.84
N LEU B 90 -10.79 -6.17 21.52
CA LEU B 90 -9.95 -7.14 20.85
C LEU B 90 -8.77 -6.54 20.09
N THR B 91 -8.83 -5.27 19.70
CA THR B 91 -7.80 -4.79 18.79
C THR B 91 -7.68 -3.28 18.93
N ASP B 92 -6.56 -2.78 18.45
CA ASP B 92 -6.29 -1.36 18.45
C ASP B 92 -6.80 -0.66 17.20
N HIS B 93 -7.22 -1.43 16.18
CA HIS B 93 -7.47 -0.86 14.87
C HIS B 93 -8.32 -1.82 14.05
N VAL B 94 -9.44 -1.34 13.49
CA VAL B 94 -10.25 -2.14 12.59
C VAL B 94 -10.30 -1.43 11.23
N ILE B 95 -10.29 -2.22 10.16
CA ILE B 95 -10.43 -1.68 8.81
C ILE B 95 -11.78 -2.12 8.26
N VAL B 96 -12.69 -1.14 8.12
CA VAL B 96 -13.98 -1.39 7.51
C VAL B 96 -13.74 -1.71 6.04
N SER B 97 -14.17 -2.89 5.60
CA SER B 97 -13.82 -3.39 4.27
C SER B 97 -15.04 -3.71 3.42
N GLY B 98 -16.18 -3.24 3.82
CA GLY B 98 -17.19 -3.11 2.83
C GLY B 98 -18.43 -3.90 3.14
N GLY B 99 -19.24 -3.97 2.10
CA GLY B 99 -20.62 -3.64 2.15
C GLY B 99 -20.92 -2.17 1.89
N GLY B 100 -21.63 -1.88 0.80
CA GLY B 100 -22.28 -0.58 0.67
C GLY B 100 -23.02 -0.17 1.94
N GLU B 101 -23.87 -1.08 2.45
N GLU B 101 -23.87 -1.07 2.46
CA GLU B 101 -24.57 -0.82 3.70
CA GLU B 101 -24.56 -0.77 3.71
C GLU B 101 -23.59 -0.55 4.83
C GLU B 101 -23.57 -0.53 4.84
N ILE B 102 -22.57 -1.39 4.95
CA ILE B 102 -21.58 -1.23 6.03
C ILE B 102 -20.80 0.08 5.88
N TYR B 103 -20.45 0.45 4.63
CA TYR B 103 -19.74 1.71 4.42
C TYR B 103 -20.59 2.91 4.83
N ARG B 104 -21.85 2.91 4.42
CA ARG B 104 -22.79 3.97 4.83
C ARG B 104 -22.87 4.07 6.35
N GLU B 105 -23.03 2.93 7.04
CA GLU B 105 -23.25 2.99 8.46
C GLU B 105 -21.99 3.28 9.27
N THR B 106 -20.79 3.14 8.68
CA THR B 106 -19.55 3.33 9.43
C THR B 106 -18.65 4.47 8.95
N LEU B 107 -18.83 4.98 7.72
CA LEU B 107 -18.09 6.18 7.31
C LEU B 107 -17.98 7.26 8.39
N PRO B 108 -19.05 7.61 9.12
CA PRO B 108 -18.91 8.66 10.16
C PRO B 108 -17.99 8.29 11.31
N MET B 109 -17.65 7.01 11.51
CA MET B 109 -16.73 6.70 12.60
C MET B 109 -15.28 6.54 12.16
N ALA B 110 -15.00 6.60 10.85
CA ALA B 110 -13.63 6.37 10.37
C ALA B 110 -12.81 7.64 10.50
N SER B 111 -11.54 7.47 10.87
CA SER B 111 -10.64 8.60 10.84
C SER B 111 -9.70 8.61 9.64
N THR B 112 -9.52 7.48 8.94
CA THR B 112 -8.81 7.55 7.66
C THR B 112 -9.41 6.60 6.65
N LEU B 113 -9.36 7.03 5.39
CA LEU B 113 -9.98 6.33 4.26
C LEU B 113 -8.92 5.96 3.25
N HIS B 114 -8.96 4.70 2.82
CA HIS B 114 -8.14 4.19 1.73
C HIS B 114 -9.08 3.99 0.55
N ILE B 115 -8.96 4.85 -0.46
CA ILE B 115 -9.94 4.87 -1.54
C ILE B 115 -9.21 4.66 -2.87
N SER B 116 -9.54 3.55 -3.54
CA SER B 116 -9.05 3.28 -4.89
C SER B 116 -10.20 3.57 -5.87
N THR B 117 -9.99 4.53 -6.76
CA THR B 117 -10.97 4.85 -7.80
C THR B 117 -10.56 4.16 -9.10
N ILE B 118 -11.47 3.36 -9.64
CA ILE B 118 -11.21 2.48 -10.78
C ILE B 118 -11.72 3.17 -12.04
N ASP B 119 -10.88 3.20 -13.08
CA ASP B 119 -11.16 3.92 -14.32
C ASP B 119 -12.23 3.22 -15.15
N ILE B 120 -13.46 3.16 -14.64
CA ILE B 120 -14.55 2.44 -15.28
C ILE B 120 -15.85 2.98 -14.71
N GLU B 121 -16.93 2.90 -15.51
CA GLU B 121 -18.27 3.31 -15.09
C GLU B 121 -19.25 2.19 -15.39
N PRO B 122 -19.17 1.08 -14.66
CA PRO B 122 -19.98 -0.09 -14.97
C PRO B 122 -21.40 0.02 -14.40
N GLU B 123 -22.22 -0.96 -14.80
CA GLU B 123 -23.55 -1.13 -14.24
C GLU B 123 -23.47 -1.76 -12.87
N GLY B 124 -24.31 -1.28 -11.95
CA GLY B 124 -24.32 -1.84 -10.61
C GLY B 124 -25.44 -1.27 -9.78
N ASP B 125 -25.71 -1.95 -8.66
CA ASP B 125 -26.78 -1.57 -7.75
C ASP B 125 -26.30 -1.23 -6.35
N VAL B 126 -24.99 -1.24 -6.10
CA VAL B 126 -24.44 -0.85 -4.83
C VAL B 126 -23.40 0.24 -5.07
N PHE B 127 -23.47 1.32 -4.28
CA PHE B 127 -22.67 2.52 -4.49
C PHE B 127 -21.89 2.87 -3.23
N PHE B 128 -20.76 3.56 -3.41
CA PHE B 128 -20.01 4.08 -2.29
C PHE B 128 -20.65 5.38 -1.82
N PRO B 129 -20.61 5.69 -0.51
CA PRO B 129 -21.21 6.94 -0.03
C PRO B 129 -20.41 8.17 -0.45
N ASN B 130 -21.12 9.30 -0.48
CA ASN B 130 -20.48 10.62 -0.56
C ASN B 130 -19.47 10.79 0.56
N ILE B 131 -18.24 11.16 0.21
CA ILE B 131 -17.23 11.41 1.24
C ILE B 131 -17.43 12.82 1.80
N PRO B 132 -17.57 12.98 3.12
CA PRO B 132 -17.75 14.33 3.68
C PRO B 132 -16.50 15.19 3.54
N ASN B 133 -16.73 16.51 3.48
CA ASN B 133 -15.66 17.50 3.40
C ASN B 133 -14.84 17.64 4.68
N THR B 134 -15.21 16.94 5.75
CA THR B 134 -14.32 16.81 6.90
C THR B 134 -13.10 15.94 6.61
N PHE B 135 -13.06 15.24 5.48
CA PHE B 135 -11.90 14.45 5.06
C PHE B 135 -11.15 15.19 3.96
N GLU B 136 -9.81 15.11 3.97
CA GLU B 136 -9.03 15.60 2.84
C GLU B 136 -7.95 14.60 2.44
N VAL B 137 -7.58 14.65 1.16
CA VAL B 137 -6.57 13.74 0.62
C VAL B 137 -5.19 14.16 1.09
N VAL B 138 -4.44 13.22 1.66
CA VAL B 138 -3.06 13.48 2.07
C VAL B 138 -2.06 12.74 1.21
N PHE B 139 -2.52 11.82 0.36
CA PHE B 139 -1.65 11.00 -0.46
C PHE B 139 -2.45 10.52 -1.66
N GLU B 140 -1.77 10.43 -2.79
CA GLU B 140 -2.37 10.04 -4.06
C GLU B 140 -1.32 9.38 -4.94
N GLN B 141 -1.67 8.27 -5.58
CA GLN B 141 -0.78 7.64 -6.54
C GLN B 141 -1.59 6.93 -7.62
N HIS B 142 -1.24 7.18 -8.88
CA HIS B 142 -1.91 6.56 -10.01
C HIS B 142 -1.17 5.29 -10.42
N PHE B 143 -1.96 4.32 -10.88
CA PHE B 143 -1.47 3.05 -11.40
C PHE B 143 -2.03 2.83 -12.80
N SER B 144 -1.20 2.40 -13.72
CA SER B 144 -1.66 1.91 -15.03
C SER B 144 -1.80 0.41 -14.98
N SER B 145 -2.89 -0.11 -15.55
CA SER B 145 -3.13 -1.55 -15.53
C SER B 145 -4.13 -1.87 -16.64
N ASN B 146 -4.72 -3.07 -16.63
CA ASN B 146 -5.74 -3.36 -17.65
C ASN B 146 -6.88 -2.35 -17.54
N ILE B 147 -7.27 -2.02 -16.30
CA ILE B 147 -8.08 -0.86 -15.98
C ILE B 147 -7.27 -0.04 -14.99
N ASN B 148 -7.02 1.23 -15.30
CA ASN B 148 -6.22 2.07 -14.42
C ASN B 148 -6.93 2.34 -13.08
N TYR B 149 -6.15 2.76 -12.08
CA TYR B 149 -6.75 3.09 -10.80
C TYR B 149 -5.90 4.12 -10.07
N CYS B 150 -6.56 4.89 -9.23
CA CYS B 150 -5.93 5.94 -8.44
C CYS B 150 -6.18 5.62 -6.96
N TYR B 151 -5.08 5.51 -6.21
CA TYR B 151 -5.13 5.24 -4.79
C TYR B 151 -4.95 6.56 -4.04
N GLN B 152 -5.95 6.93 -3.22
CA GLN B 152 -5.91 8.11 -2.39
C GLN B 152 -6.13 7.73 -0.93
N ILE B 153 -5.32 8.30 -0.05
CA ILE B 153 -5.57 8.19 1.40
C ILE B 153 -6.12 9.52 1.89
N TRP B 154 -7.25 9.47 2.57
CA TRP B 154 -7.89 10.63 3.16
C TRP B 154 -7.76 10.56 4.67
N GLN B 155 -7.49 11.70 5.29
CA GLN B 155 -7.55 11.82 6.73
C GLN B 155 -8.68 12.78 7.10
N LYS B 156 -9.40 12.45 8.16
CA LYS B 156 -10.44 13.32 8.72
C LYS B 156 -9.84 14.63 9.25
PA NAP C . 23.28 0.54 -4.65
O1A NAP C . 22.88 1.88 -4.23
O2A NAP C . 22.18 -0.45 -4.84
O5B NAP C . 24.16 0.63 -6.00
C5B NAP C . 25.34 1.40 -6.02
C4B NAP C . 25.82 1.39 -7.46
O4B NAP C . 24.96 2.14 -8.30
C3B NAP C . 27.21 1.99 -7.65
O3B NAP C . 28.18 1.01 -7.38
C2B NAP C . 27.16 2.41 -9.12
O2B NAP C . 27.21 1.29 -9.96
C1B NAP C . 25.72 2.86 -9.24
N9A NAP C . 25.59 4.31 -8.96
C8A NAP C . 25.31 4.89 -7.74
N7A NAP C . 25.24 6.23 -7.92
C5A NAP C . 25.46 6.50 -9.23
C6A NAP C . 25.49 7.69 -9.97
N6A NAP C . 25.29 8.87 -9.38
N1A NAP C . 25.73 7.64 -11.31
C2A NAP C . 25.94 6.43 -11.94
N3A NAP C . 25.92 5.25 -11.22
C4A NAP C . 25.68 5.29 -9.89
O3 NAP C . 24.38 -0.08 -3.63
PN NAP C . 24.56 -0.03 -2.04
O1N NAP C . 25.64 -0.99 -1.69
O2N NAP C . 24.63 1.38 -1.58
O5D NAP C . 23.17 -0.62 -1.48
C5D NAP C . 22.91 -2.00 -1.59
C4D NAP C . 22.51 -2.50 -0.22
O4D NAP C . 21.26 -1.92 0.15
C3D NAP C . 22.29 -4.01 -0.21
O3D NAP C . 22.69 -4.49 1.05
C2D NAP C . 20.80 -4.18 -0.32
O2D NAP C . 20.40 -5.36 0.37
C1D NAP C . 20.32 -2.95 0.43
N1N NAP C . 18.97 -2.50 0.07
C2N NAP C . 18.06 -2.34 1.08
C3N NAP C . 16.79 -1.89 0.78
C7N NAP C . 15.81 -1.66 1.89
O7N NAP C . 14.78 -0.77 1.59
N7N NAP C . 15.91 -2.29 3.07
C4N NAP C . 16.43 -1.58 -0.54
C5N NAP C . 17.38 -1.74 -1.54
C6N NAP C . 18.66 -2.19 -1.23
P2B NAP C . 28.57 0.66 -10.54
O1X NAP C . 29.28 -0.05 -9.41
O2X NAP C . 28.16 -0.35 -11.59
O3X NAP C . 29.38 1.77 -11.16
C1 GOL D . 23.81 7.44 6.46
O1 GOL D . 23.51 8.78 6.10
C2 GOL D . 23.99 6.68 5.12
O2 GOL D . 24.62 5.43 5.27
C3 GOL D . 22.58 6.56 4.57
O3 GOL D . 22.65 5.70 3.46
C14 4SI E . 15.06 -5.76 -2.80
C11 4SI E . 13.15 -3.43 -0.93
C10 4SI E . 12.12 -2.79 -0.14
C12 4SI E . 14.02 -3.91 -1.62
C13 4SI E . 15.11 -4.36 -2.54
C01 4SI E . 10.34 -5.73 0.61
C02 4SI E . 11.60 -4.91 0.89
C03 4SI E . 11.35 -3.54 0.75
C05 4SI E . 10.17 -1.59 1.33
C08 4SI E . 11.85 -1.42 -0.27
C15 4SI E . 13.84 -6.42 -3.00
C16 4SI E . 13.82 -7.80 -3.28
C17 4SI E . 12.61 -8.50 -3.44
C18 4SI E . 11.49 -8.09 -2.71
C19 4SI E . 10.27 -8.77 -2.80
C20 4SI E . 10.17 -9.90 -3.62
C21 4SI E . 8.95 -10.60 -3.68
C24 4SI E . 11.29 -10.33 -4.34
C25 4SI E . 12.51 -9.65 -4.24
C26 4SI E . 15.01 -8.51 -3.31
C27 4SI E . 16.23 -7.87 -3.12
C28 4SI E . 16.25 -6.49 -2.86
C30 4SI E . 14.89 -3.61 -3.87
N04 4SI E . 10.39 -2.92 1.47
N06 4SI E . 9.22 -1.00 2.05
N07 4SI E . 10.90 -0.84 0.46
N09 4SI E . 12.60 -0.71 -1.14
N22 4SI E . 8.39 -10.89 -2.48
O23 4SI E . 8.48 -10.94 -4.78
CL29 4SI E . 17.76 -5.70 -2.63
PA NAP F . -23.03 -5.73 2.79
O1A NAP F . -22.96 -4.34 3.34
O2A NAP F . -21.73 -6.39 2.54
O5B NAP F . -23.85 -6.62 3.83
C5B NAP F . -25.17 -6.26 4.14
C4B NAP F . -25.61 -7.20 5.25
O4B NAP F . -24.85 -6.96 6.42
C3B NAP F . -27.06 -7.01 5.63
O3B NAP F . -27.90 -7.69 4.72
C2B NAP F . -27.04 -7.58 7.04
O2B NAP F . -26.87 -8.97 6.97
C1B NAP F . -25.70 -7.05 7.55
N9A NAP F . -25.90 -5.76 8.22
C8A NAP F . -25.81 -4.50 7.67
N7A NAP F . -26.06 -3.60 8.66
C5A NAP F . -26.27 -4.26 9.82
C6A NAP F . -26.56 -3.84 11.12
N6A NAP F . -26.66 -2.54 11.42
N1A NAP F . -26.72 -4.79 12.11
C2A NAP F . -26.62 -6.12 11.83
N3A NAP F . -26.34 -6.54 10.54
C4A NAP F . -26.17 -5.62 9.55
O3 NAP F . -23.98 -5.79 1.50
PN NAP F . -24.22 -4.80 0.25
O1N NAP F . -25.28 -5.45 -0.58
O2N NAP F . -24.40 -3.39 0.69
O5D NAP F . -22.76 -4.85 -0.44
C5D NAP F . -22.29 -6.03 -1.07
C4D NAP F . -21.81 -5.61 -2.46
O4D NAP F . -20.70 -4.73 -2.33
C3D NAP F . -21.35 -6.82 -3.27
O3D NAP F . -21.74 -6.62 -4.61
C2D NAP F . -19.84 -6.76 -3.18
O2D NAP F . -19.29 -7.27 -4.38
C1D NAP F . -19.60 -5.26 -3.07
N1N NAP F . -18.33 -4.91 -2.38
C2N NAP F . -17.49 -4.05 -3.01
C3N NAP F . -16.31 -3.66 -2.41
C7N NAP F . -15.46 -2.62 -3.08
O7N NAP F . -14.66 -1.83 -2.28
N7N NAP F . -15.52 -2.48 -4.42
C4N NAP F . -15.97 -4.14 -1.14
C5N NAP F . -16.86 -5.02 -0.50
C6N NAP F . -18.04 -5.39 -1.13
P2B NAP F . -28.05 -10.05 6.86
O1X NAP F . -28.63 -10.04 5.48
O2X NAP F . -27.43 -11.40 7.09
O3X NAP F . -29.04 -9.69 7.94
S SO4 G . -26.63 -0.77 14.67
O1 SO4 G . -26.29 -1.72 13.60
O2 SO4 G . -26.73 0.58 14.13
O3 SO4 G . -25.55 -0.84 15.65
O4 SO4 G . -27.91 -1.16 15.27
S SO4 H . -10.37 -14.87 17.19
O1 SO4 H . -11.22 -13.87 16.55
O2 SO4 H . -9.48 -15.47 16.18
O3 SO4 H . -9.60 -14.24 18.27
O4 SO4 H . -11.24 -15.92 17.74
C14 4SI I . -13.82 -8.51 -1.64
C11 4SI I . -12.46 -5.29 -1.44
C10 4SI I . -11.59 -4.17 -1.61
C12 4SI I . -13.18 -6.19 -1.27
C13 4SI I . -14.15 -7.31 -0.98
C01 4SI I . -9.65 -6.11 -3.43
C02 4SI I . -10.78 -5.11 -3.69
C03 4SI I . -10.77 -4.09 -2.72
C05 4SI I . -9.93 -2.03 -1.96
C08 4SI I . -11.55 -3.13 -0.69
C15 4SI I . -12.48 -8.93 -1.69
C16 4SI I . -12.17 -10.14 -2.33
C17 4SI I . -10.86 -10.59 -2.46
C18 4SI I . -9.80 -10.37 -1.58
C19 4SI I . -8.53 -10.90 -1.89
C20 4SI I . -8.36 -11.63 -3.06
C21 4SI I . -7.14 -12.17 -3.49
C24 4SI I . -9.42 -11.81 -3.93
C25 4SI I . -10.65 -11.30 -3.64
C26 4SI I . -13.17 -10.90 -2.96
C27 4SI I . -14.48 -10.49 -2.90
C28 4SI I . -14.82 -9.31 -2.24
C30 4SI I . -14.08 -7.51 0.53
N04 4SI I . -9.96 -3.02 -2.86
N06 4SI I . -9.09 -1.01 -2.16
N07 4SI I . -10.73 -2.08 -0.86
N09 4SI I . -12.35 -3.22 0.38
N22 4SI I . -6.64 -11.56 -4.58
O23 4SI I . -6.64 -13.16 -2.96
CL29 4SI I . -16.50 -8.87 -2.25
#